data_8GQ4
#
_entry.id   8GQ4
#
_cell.length_a   51.768
_cell.length_b   69.840
_cell.length_c   54.585
_cell.angle_alpha   90.000
_cell.angle_beta   114.223
_cell.angle_gamma   90.000
#
_symmetry.space_group_name_H-M   'P 1 21 1'
#
loop_
_entity.id
_entity.type
_entity.pdbx_description
1 polymer 'Histone acetyltransferase RTT109'
2 water water
#
_entity_poly.entity_id   1
_entity_poly.type   'polypeptide(L)'
_entity_poly.pdbx_seq_one_letter_code
;MLPPDILQNGEFETIYFQTNPTYIKSPIHIPKSTIGKPDTVKIRHFFALLHQDLVVLGLEVFVYLQIYSDFVEKYVYVSK
CDTVGLEKSTIKIGKVIGPVLQYIINYNGYKIKMKNLDEKSKDLSDPSTLVRLQRLRDKLPDIYPNLPYYNDIPPKEECI
EYRTLPKTQNLRLCVFTKPAKEYLFPNSAKNPYKALLNGQSLLRWWISIIDSITKGWNNHKLMIPGADKYATRKFIEKYS
DWSEGHIFKKDGLAVQAIPLFPDDP(ALY)GRFLELVIVECRYGKMTVSRFYQELAYRQEFLLGDCVSLIGCCKENLEVT
YHDDLVSTVTISEYKEFMNLLKLVDFSDRVEVSNFVSNYRKSK
;
_entity_poly.pdbx_strand_id   A
#
# COMPACT_ATOMS: atom_id res chain seq x y z
N MET A 1 17.82 -2.43 -4.09
CA MET A 1 16.42 -2.04 -4.21
C MET A 1 16.04 -1.78 -5.66
N LEU A 2 17.01 -1.36 -6.46
CA LEU A 2 16.79 -1.04 -7.86
C LEU A 2 18.00 -1.49 -8.69
N PRO A 3 17.77 -1.90 -9.95
CA PRO A 3 18.88 -2.41 -10.79
C PRO A 3 19.74 -1.28 -11.35
N PRO A 4 20.97 -1.58 -11.81
CA PRO A 4 21.88 -0.50 -12.23
C PRO A 4 21.48 0.18 -13.53
N ASP A 5 20.83 -0.56 -14.44
CA ASP A 5 20.35 0.01 -15.70
C ASP A 5 19.44 1.21 -15.47
N ILE A 6 18.79 1.28 -14.31
CA ILE A 6 17.83 2.33 -13.99
C ILE A 6 18.53 3.53 -13.36
N LEU A 7 19.36 3.30 -12.34
CA LEU A 7 20.00 4.41 -11.67
C LEU A 7 21.06 5.08 -12.54
N GLN A 8 21.76 4.31 -13.36
CA GLN A 8 22.66 4.87 -14.38
C GLN A 8 23.72 5.79 -13.79
N ASN A 9 24.47 5.25 -12.82
CA ASN A 9 25.70 5.88 -12.35
C ASN A 9 25.44 7.26 -11.71
N GLY A 10 24.25 7.47 -11.17
CA GLY A 10 23.93 8.73 -10.52
C GLY A 10 23.08 9.67 -11.35
N GLU A 11 22.69 9.27 -12.55
CA GLU A 11 21.67 10.01 -13.27
C GLU A 11 20.39 10.11 -12.45
N PHE A 12 19.99 9.00 -11.82
CA PHE A 12 18.81 8.90 -10.98
C PHE A 12 19.23 8.69 -9.53
N GLU A 13 18.44 9.26 -8.61
CA GLU A 13 18.67 9.16 -7.19
C GLU A 13 17.35 8.73 -6.53
N THR A 14 17.45 8.14 -5.34
CA THR A 14 16.25 7.73 -4.60
C THR A 14 16.16 8.45 -3.26
N ILE A 15 14.92 8.76 -2.88
CA ILE A 15 14.56 9.06 -1.50
C ILE A 15 13.85 7.82 -0.98
N TYR A 16 14.28 7.32 0.17
CA TYR A 16 13.63 6.17 0.80
C TYR A 16 13.84 6.25 2.30
N PHE A 17 12.76 6.23 3.07
CA PHE A 17 12.90 6.15 4.52
C PHE A 17 11.68 5.46 5.10
N GLN A 18 11.87 4.93 6.32
CA GLN A 18 10.81 4.28 7.08
C GLN A 18 10.59 5.06 8.37
N THR A 19 9.39 4.95 8.93
CA THR A 19 9.24 5.37 10.31
C THR A 19 9.85 4.32 11.24
N ASN A 20 10.20 4.75 12.44
CA ASN A 20 10.53 3.79 13.47
C ASN A 20 9.30 2.91 13.72
N PRO A 21 9.46 1.60 13.86
CA PRO A 21 8.30 0.72 14.01
C PRO A 21 7.54 1.10 15.27
N THR A 22 6.21 1.20 15.15
CA THR A 22 5.40 1.79 16.20
C THR A 22 4.21 0.88 16.50
N TYR A 23 4.01 0.54 17.78
CA TYR A 23 2.86 -0.24 18.19
C TYR A 23 1.59 0.59 18.01
N ILE A 24 0.57 -0.03 17.42
CA ILE A 24 -0.75 0.59 17.24
C ILE A 24 -1.82 -0.41 17.63
N LYS A 25 -3.04 0.08 17.79
CA LYS A 25 -4.19 -0.81 17.89
C LYS A 25 -4.42 -1.50 16.54
N SER A 26 -4.88 -2.75 16.60
CA SER A 26 -5.07 -3.55 15.39
C SER A 26 -5.97 -2.84 14.38
N PRO A 27 -5.59 -2.83 13.10
CA PRO A 27 -6.52 -2.32 12.07
C PRO A 27 -7.72 -3.24 11.83
N ILE A 28 -7.65 -4.48 12.31
CA ILE A 28 -8.78 -5.39 12.33
C ILE A 28 -9.25 -5.48 13.78
N HIS A 29 -10.52 -5.13 14.03
CA HIS A 29 -11.03 -5.15 15.41
C HIS A 29 -10.95 -6.55 16.01
N ILE A 30 -10.23 -6.66 17.11
CA ILE A 30 -10.12 -7.92 17.85
C ILE A 30 -10.98 -7.77 19.10
N PRO A 31 -11.94 -8.64 19.33
CA PRO A 31 -12.68 -8.58 20.59
C PRO A 31 -11.73 -8.80 21.76
N LYS A 32 -11.94 -8.04 22.84
CA LYS A 32 -11.23 -8.32 24.08
C LYS A 32 -11.41 -9.77 24.52
N SER A 33 -12.58 -10.37 24.23
CA SER A 33 -12.76 -11.82 24.42
C SER A 33 -11.60 -12.61 23.79
N THR A 34 -11.26 -12.32 22.54
CA THR A 34 -10.24 -13.10 21.85
C THR A 34 -8.92 -13.01 22.61
N ILE A 35 -8.54 -14.11 23.29
CA ILE A 35 -7.27 -14.19 24.01
C ILE A 35 -6.27 -14.91 23.13
N GLY A 36 -4.99 -14.57 23.29
CA GLY A 36 -4.03 -14.74 22.23
C GLY A 36 -3.97 -13.56 21.28
N LYS A 37 -4.41 -12.38 21.73
CA LYS A 37 -4.49 -11.21 20.87
C LYS A 37 -3.10 -10.79 20.41
N PRO A 38 -2.95 -10.44 19.14
CA PRO A 38 -1.63 -10.03 18.64
C PRO A 38 -1.29 -8.61 19.06
N ASP A 39 0.01 -8.33 19.08
CA ASP A 39 0.49 -6.95 19.10
C ASP A 39 0.62 -6.49 17.66
N THR A 40 0.26 -5.22 17.40
CA THR A 40 0.33 -4.69 16.05
C THR A 40 1.42 -3.63 15.98
N VAL A 41 2.33 -3.78 15.02
CA VAL A 41 3.40 -2.83 14.77
C VAL A 41 3.27 -2.32 13.33
N LYS A 42 3.26 -1.01 13.15
CA LYS A 42 3.10 -0.37 11.86
C LYS A 42 4.39 0.33 11.48
N ILE A 43 4.76 0.22 10.21
CA ILE A 43 5.90 0.94 9.66
C ILE A 43 5.41 1.64 8.39
N ARG A 44 5.68 2.95 8.27
CA ARG A 44 5.44 3.65 7.02
C ARG A 44 6.71 3.66 6.17
N HIS A 45 6.56 3.42 4.87
CA HIS A 45 7.64 3.51 3.88
C HIS A 45 7.31 4.57 2.85
N PHE A 46 8.22 5.50 2.63
CA PHE A 46 8.09 6.47 1.55
C PHE A 46 9.28 6.32 0.63
N PHE A 47 9.01 6.19 -0.67
CA PHE A 47 10.01 6.12 -1.72
C PHE A 47 9.72 7.15 -2.80
N ALA A 48 10.76 7.81 -3.28
CA ALA A 48 10.63 8.63 -4.47
C ALA A 48 11.87 8.44 -5.34
N LEU A 49 11.65 8.51 -6.65
CA LEU A 49 12.72 8.47 -7.63
C LEU A 49 13.01 9.90 -8.10
N LEU A 50 14.28 10.27 -8.09
CA LEU A 50 14.70 11.59 -8.51
C LEU A 50 15.46 11.49 -9.82
N HIS A 51 15.19 12.44 -10.70
CA HIS A 51 16.01 12.61 -11.88
C HIS A 51 16.51 14.04 -11.83
N GLN A 52 17.74 14.13 -11.37
CA GLN A 52 18.72 15.18 -11.32
C GLN A 52 18.13 15.88 -10.12
N ASP A 53 17.49 17.02 -10.31
CA ASP A 53 16.87 17.72 -9.20
C ASP A 53 15.35 17.70 -9.23
N LEU A 54 14.73 16.84 -10.04
CA LEU A 54 13.28 16.75 -10.13
C LEU A 54 12.81 15.40 -9.60
N VAL A 55 11.63 15.41 -9.01
CA VAL A 55 10.97 14.19 -8.60
C VAL A 55 10.31 13.56 -9.83
N VAL A 56 10.48 12.25 -9.99
CA VAL A 56 9.87 11.50 -11.08
C VAL A 56 8.58 10.83 -10.65
N LEU A 57 8.62 10.13 -9.52
CA LEU A 57 7.49 9.34 -9.05
C LEU A 57 7.65 9.12 -7.55
N GLY A 58 6.59 8.63 -6.92
CA GLY A 58 6.64 8.31 -5.52
C GLY A 58 5.68 7.19 -5.18
N LEU A 59 5.95 6.56 -4.05
CA LEU A 59 5.21 5.40 -3.57
C LEU A 59 5.20 5.43 -2.06
N GLU A 60 4.03 5.31 -1.46
CA GLU A 60 3.89 5.20 -0.01
C GLU A 60 3.24 3.86 0.32
N VAL A 61 3.87 3.11 1.22
CA VAL A 61 3.39 1.78 1.60
C VAL A 61 3.40 1.66 3.11
N PHE A 62 2.33 1.12 3.70
CA PHE A 62 2.31 0.86 5.12
C PHE A 62 2.38 -0.64 5.37
N VAL A 63 3.22 -1.05 6.31
CA VAL A 63 3.34 -2.44 6.69
C VAL A 63 2.82 -2.61 8.12
N TYR A 64 1.95 -3.60 8.31
CA TYR A 64 1.36 -3.92 9.61
C TYR A 64 1.78 -5.33 10.00
N LEU A 65 2.36 -5.47 11.20
CA LEU A 65 2.84 -6.75 11.71
C LEU A 65 1.95 -7.10 12.91
N GLN A 66 1.02 -8.04 12.67
CA GLN A 66 0.19 -8.74 13.66
C GLN A 66 1.07 -9.83 14.27
N ILE A 67 1.66 -9.57 15.44
CA ILE A 67 2.64 -10.50 16.02
C ILE A 67 1.93 -11.43 16.99
N TYR A 68 1.85 -12.72 16.66
CA TYR A 68 1.36 -13.73 17.58
C TYR A 68 2.56 -14.44 18.22
N SER A 69 2.32 -15.45 19.08
CA SER A 69 3.43 -16.20 19.70
C SER A 69 4.30 -16.94 18.67
N ASP A 70 3.71 -17.72 17.77
CA ASP A 70 4.49 -18.41 16.73
C ASP A 70 4.39 -17.92 15.30
N PHE A 71 3.68 -16.84 15.01
CA PHE A 71 3.70 -16.38 13.63
C PHE A 71 3.33 -14.91 13.56
N VAL A 72 3.54 -14.34 12.38
CA VAL A 72 3.17 -12.97 12.07
C VAL A 72 2.25 -12.99 10.84
N GLU A 73 1.04 -12.43 11.04
CA GLU A 73 0.14 -11.89 9.99
C GLU A 73 0.74 -10.55 9.54
N LYS A 74 1.36 -10.51 8.35
CA LYS A 74 1.98 -9.29 7.81
C LYS A 74 1.15 -8.71 6.68
N TYR A 75 0.61 -7.50 6.89
CA TYR A 75 -0.21 -6.85 5.87
C TYR A 75 0.61 -5.74 5.23
N VAL A 76 0.66 -5.75 3.90
CA VAL A 76 1.36 -4.71 3.15
C VAL A 76 0.30 -3.94 2.37
N TYR A 77 0.12 -2.67 2.73
CA TYR A 77 -0.94 -1.84 2.17
C TYR A 77 -0.31 -0.74 1.33
N VAL A 78 -0.62 -0.72 0.04
CA VAL A 78 -0.16 0.36 -0.83
C VAL A 78 -1.06 1.57 -0.59
N SER A 79 -0.48 2.62 -0.01
CA SER A 79 -1.23 3.82 0.32
C SER A 79 -1.40 4.73 -0.90
N LYS A 80 -0.29 5.10 -1.54
CA LYS A 80 -0.33 6.07 -2.64
C LYS A 80 0.76 5.77 -3.63
N CYS A 81 0.48 6.00 -4.91
CA CYS A 81 1.47 5.88 -5.95
C CYS A 81 1.15 6.94 -6.97
N ASP A 82 2.17 7.63 -7.47
CA ASP A 82 1.90 8.82 -8.29
C ASP A 82 3.14 9.15 -9.09
N THR A 83 2.95 9.92 -10.16
CA THR A 83 4.04 10.42 -10.99
C THR A 83 3.91 11.93 -11.14
N VAL A 84 5.00 12.57 -11.55
CA VAL A 84 5.06 14.02 -11.68
C VAL A 84 4.86 14.45 -13.14
N GLY A 85 5.66 13.91 -14.06
CA GLY A 85 5.51 14.19 -15.48
C GLY A 85 6.03 15.54 -15.93
N LEU A 86 7.04 16.08 -15.24
CA LEU A 86 7.65 17.32 -15.70
C LEU A 86 8.57 17.10 -16.88
N GLU A 87 9.14 15.91 -17.02
CA GLU A 87 10.06 15.56 -18.10
C GLU A 87 9.56 14.29 -18.78
N LYS A 88 9.97 14.12 -20.04
CA LYS A 88 9.61 12.92 -20.79
C LYS A 88 10.12 11.68 -20.06
N SER A 89 9.24 10.69 -19.90
CA SER A 89 9.60 9.40 -19.31
C SER A 89 10.80 8.79 -20.02
N THR A 90 11.78 8.29 -19.26
CA THR A 90 12.86 7.53 -19.89
C THR A 90 12.86 6.10 -19.39
N ILE A 91 12.02 5.84 -18.39
CA ILE A 91 11.77 4.56 -17.70
C ILE A 91 10.29 4.33 -17.52
N LYS A 92 9.90 3.13 -17.93
CA LYS A 92 8.59 2.54 -17.66
C LYS A 92 8.38 2.54 -16.14
N ILE A 93 7.34 3.23 -15.70
CA ILE A 93 7.10 3.41 -14.25
C ILE A 93 7.09 2.08 -13.54
N GLY A 94 6.51 1.07 -14.17
CA GLY A 94 6.33 -0.19 -13.49
C GLY A 94 7.65 -0.86 -13.23
N LYS A 95 8.62 -0.52 -13.97
CA LYS A 95 9.80 -1.21 -13.75
C LYS A 95 10.73 -0.59 -12.66
N VAL A 96 10.19 0.45 -12.05
CA VAL A 96 10.62 0.95 -10.75
C VAL A 96 9.67 0.55 -9.61
N ILE A 97 8.37 0.75 -9.81
CA ILE A 97 7.37 0.48 -8.75
C ILE A 97 7.39 -0.99 -8.35
N GLY A 98 7.43 -1.89 -9.34
CA GLY A 98 7.45 -3.30 -9.07
C GLY A 98 8.55 -3.68 -8.11
N PRO A 99 9.80 -3.41 -8.49
CA PRO A 99 10.91 -3.81 -7.62
C PRO A 99 10.89 -3.13 -6.26
N VAL A 100 10.49 -1.86 -6.17
CA VAL A 100 10.44 -1.18 -4.87
C VAL A 100 9.40 -1.84 -3.97
N LEU A 101 8.20 -2.08 -4.52
CA LEU A 101 7.13 -2.71 -3.74
C LEU A 101 7.55 -4.10 -3.31
N GLN A 102 8.21 -4.86 -4.17
CA GLN A 102 8.71 -6.18 -3.77
C GLN A 102 9.71 -6.06 -2.62
N TYR A 103 10.63 -5.09 -2.70
CA TYR A 103 11.57 -4.86 -1.62
C TYR A 103 10.85 -4.60 -0.30
N ILE A 104 9.84 -3.73 -0.35
CA ILE A 104 9.12 -3.37 0.88
C ILE A 104 8.37 -4.59 1.44
N ILE A 105 7.70 -5.35 0.56
CA ILE A 105 7.01 -6.58 0.98
C ILE A 105 7.95 -7.50 1.73
N ASN A 106 9.15 -7.69 1.19
CA ASN A 106 10.08 -8.68 1.71
C ASN A 106 10.99 -8.14 2.80
N TYR A 107 10.95 -6.83 3.05
CA TYR A 107 11.86 -6.26 4.05
C TYR A 107 11.56 -6.84 5.42
N ASN A 108 12.63 -7.22 6.11
N ASN A 108 12.61 -7.27 6.12
CA ASN A 108 12.54 -7.91 7.38
CA ASN A 108 12.48 -7.88 7.43
C ASN A 108 13.71 -7.49 8.26
C ASN A 108 13.65 -7.49 8.31
N GLY A 109 13.92 -6.19 8.39
CA GLY A 109 15.01 -5.67 9.19
C GLY A 109 14.51 -4.62 10.17
N TYR A 110 13.26 -4.74 10.56
CA TYR A 110 12.68 -3.75 11.45
C TYR A 110 13.29 -3.85 12.83
N LYS A 111 13.53 -2.70 13.44
CA LYS A 111 14.04 -2.65 14.82
C LYS A 111 12.85 -2.35 15.73
N ILE A 112 12.23 -3.40 16.24
CA ILE A 112 11.00 -3.27 17.00
C ILE A 112 11.33 -3.32 18.49
N LYS A 113 10.91 -2.29 19.23
CA LYS A 113 11.12 -2.26 20.67
C LYS A 113 10.22 -3.30 21.36
N MET A 114 10.64 -3.68 22.57
CA MET A 114 9.82 -4.59 23.35
C MET A 114 8.52 -3.90 23.74
N LYS A 115 7.46 -4.68 23.87
CA LYS A 115 6.20 -4.11 24.28
C LYS A 115 6.28 -3.83 25.77
N ASN A 116 5.84 -2.64 26.19
CA ASN A 116 5.84 -2.26 27.61
C ASN A 116 5.00 -3.23 28.38
N LEU A 117 5.63 -3.84 29.36
CA LEU A 117 4.99 -4.93 30.10
C LEU A 117 4.10 -4.31 31.16
N ASP A 118 3.13 -3.44 30.70
CA ASP A 118 2.34 -2.65 31.68
C ASP A 118 3.21 -1.59 32.37
N GLU A 161 17.17 -5.55 23.37
CA GLU A 161 16.55 -4.32 23.86
C GLU A 161 15.47 -4.18 22.74
N TYR A 162 15.61 -5.04 21.72
CA TYR A 162 14.70 -5.15 20.58
C TYR A 162 14.01 -6.53 20.55
N ARG A 163 12.72 -6.51 20.23
CA ARG A 163 11.92 -7.74 20.13
C ARG A 163 12.35 -8.61 18.95
N THR A 164 12.33 -9.93 19.17
CA THR A 164 12.54 -10.88 18.08
C THR A 164 11.20 -11.41 17.59
N LEU A 165 10.99 -11.31 16.28
CA LEU A 165 9.75 -11.75 15.68
C LEU A 165 9.77 -13.24 15.40
N PRO A 166 8.60 -13.89 15.43
CA PRO A 166 8.50 -15.28 14.97
C PRO A 166 8.99 -15.42 13.53
N LYS A 167 9.53 -16.61 13.21
CA LYS A 167 10.07 -16.84 11.88
C LYS A 167 8.99 -17.15 10.83
N THR A 168 7.84 -17.63 11.27
CA THR A 168 6.74 -17.92 10.36
C THR A 168 5.93 -16.66 10.08
N GLN A 169 5.79 -16.33 8.80
CA GLN A 169 5.03 -15.15 8.40
C GLN A 169 4.01 -15.51 7.34
N ASN A 170 2.81 -14.94 7.47
CA ASN A 170 1.79 -15.04 6.44
C ASN A 170 1.61 -13.66 5.86
N LEU A 171 1.84 -13.53 4.56
CA LEU A 171 1.85 -12.23 3.90
C LEU A 171 0.49 -11.92 3.30
N ARG A 172 0.10 -10.65 3.38
CA ARG A 172 -1.13 -10.14 2.79
C ARG A 172 -0.76 -8.84 2.09
N LEU A 173 -1.01 -8.77 0.78
CA LEU A 173 -0.77 -7.56 0.01
C LEU A 173 -2.10 -6.95 -0.39
N CYS A 174 -2.30 -5.67 -0.06
CA CYS A 174 -3.60 -5.03 -0.22
C CYS A 174 -3.42 -3.74 -1.02
N VAL A 175 -4.12 -3.64 -2.15
CA VAL A 175 -4.00 -2.52 -3.07
C VAL A 175 -5.40 -2.17 -3.55
N PHE A 176 -5.72 -0.87 -3.61
CA PHE A 176 -6.94 -0.47 -4.29
C PHE A 176 -6.57 0.34 -5.51
N THR A 177 -7.38 0.26 -6.56
CA THR A 177 -7.15 1.06 -7.76
C THR A 177 -8.31 2.04 -7.95
N LYS A 178 -7.97 3.29 -8.05
CA LYS A 178 -8.93 4.36 -8.24
C LYS A 178 -8.20 5.46 -8.99
N PRO A 179 -8.64 5.83 -10.21
CA PRO A 179 -7.92 6.85 -10.96
C PRO A 179 -8.16 8.22 -10.33
N ALA A 180 -7.11 8.79 -9.76
CA ALA A 180 -7.11 10.13 -9.17
C ALA A 180 -5.94 10.87 -9.76
N LYS A 181 -6.14 12.12 -10.16
CA LYS A 181 -5.10 12.76 -10.97
C LYS A 181 -3.82 13.07 -10.15
N GLU A 182 -3.92 13.16 -8.82
CA GLU A 182 -2.82 13.70 -8.00
C GLU A 182 -2.74 13.06 -6.60
N TYR A 183 -2.32 11.81 -6.53
CA TYR A 183 -2.32 11.12 -5.24
C TYR A 183 -1.30 11.73 -4.28
N LEU A 184 -0.14 12.18 -4.80
CA LEU A 184 0.97 12.62 -3.96
C LEU A 184 1.49 14.00 -4.36
N PHE A 185 1.36 14.35 -5.63
CA PHE A 185 2.06 15.50 -6.19
C PHE A 185 1.06 16.55 -6.64
N PRO A 186 0.76 17.52 -5.78
CA PRO A 186 -0.24 18.51 -6.13
C PRO A 186 0.20 19.33 -7.31
N ASN A 187 -0.71 19.31 -8.24
CA ASN A 187 -1.05 20.30 -9.22
C ASN A 187 -0.33 19.75 -10.45
N SER A 188 0.14 18.48 -10.36
CA SER A 188 0.91 17.80 -11.36
C SER A 188 0.05 17.28 -12.48
N ALA A 189 -1.26 17.17 -12.26
CA ALA A 189 -2.17 16.75 -13.32
C ALA A 189 -2.09 17.63 -14.57
N LYS A 190 -1.63 18.85 -14.46
CA LYS A 190 -1.44 19.63 -15.65
C LYS A 190 -0.11 19.49 -16.38
N ASN A 191 0.77 18.65 -15.94
CA ASN A 191 2.10 18.58 -16.50
C ASN A 191 2.08 17.89 -17.86
N PRO A 192 3.00 18.28 -18.74
CA PRO A 192 2.92 17.81 -20.13
C PRO A 192 3.11 16.30 -20.29
N TYR A 193 3.98 15.67 -19.51
CA TYR A 193 4.27 14.26 -19.70
C TYR A 193 3.69 13.36 -18.63
N LYS A 194 2.69 13.83 -17.87
CA LYS A 194 2.04 12.97 -16.89
C LYS A 194 0.98 12.15 -17.59
N ALA A 195 1.13 10.83 -17.55
CA ALA A 195 0.14 9.92 -18.12
C ALA A 195 -1.00 9.75 -17.13
N LEU A 196 -2.22 9.98 -17.59
CA LEU A 196 -3.38 9.90 -16.71
C LEU A 196 -4.26 8.72 -17.15
N LEU A 197 -4.06 7.56 -16.53
CA LEU A 197 -4.78 6.36 -16.92
C LEU A 197 -6.23 6.44 -16.45
N ASN A 198 -7.16 5.92 -17.26
CA ASN A 198 -8.50 5.73 -16.77
C ASN A 198 -8.54 4.52 -15.81
N GLY A 199 -9.71 4.28 -15.21
CA GLY A 199 -9.80 3.24 -14.21
C GLY A 199 -9.45 1.87 -14.72
N GLN A 200 -9.95 1.50 -15.91
N GLN A 200 -9.96 1.49 -15.90
CA GLN A 200 -9.69 0.15 -16.42
CA GLN A 200 -9.70 0.18 -16.45
C GLN A 200 -8.22 -0.02 -16.80
C GLN A 200 -8.22 0.00 -16.76
N SER A 201 -7.60 1.04 -17.33
CA SER A 201 -6.18 0.98 -17.65
C SER A 201 -5.33 0.91 -16.38
N LEU A 202 -5.68 1.73 -15.38
CA LEU A 202 -4.96 1.67 -14.11
C LEU A 202 -5.06 0.28 -13.50
N LEU A 203 -6.24 -0.35 -13.57
CA LEU A 203 -6.39 -1.68 -12.97
C LEU A 203 -5.54 -2.70 -13.69
N ARG A 204 -5.59 -2.72 -15.02
N ARG A 204 -5.58 -2.71 -15.03
CA ARG A 204 -4.74 -3.62 -15.78
CA ARG A 204 -4.75 -3.64 -15.77
C ARG A 204 -3.28 -3.42 -15.42
C ARG A 204 -3.27 -3.42 -15.44
N TRP A 205 -2.88 -2.17 -15.25
CA TRP A 205 -1.49 -1.87 -14.91
C TRP A 205 -1.11 -2.46 -13.56
N TRP A 206 -1.96 -2.25 -12.56
CA TRP A 206 -1.68 -2.78 -11.22
C TRP A 206 -1.66 -4.30 -11.21
N ILE A 207 -2.59 -4.94 -11.91
CA ILE A 207 -2.59 -6.40 -11.97
C ILE A 207 -1.27 -6.91 -12.52
N SER A 208 -0.77 -6.29 -13.60
CA SER A 208 0.48 -6.77 -14.19
C SER A 208 1.64 -6.58 -13.23
N ILE A 209 1.66 -5.46 -12.51
N ILE A 209 1.69 -5.47 -12.50
CA ILE A 209 2.73 -5.20 -11.54
CA ILE A 209 2.77 -5.29 -11.54
C ILE A 209 2.66 -6.22 -10.41
C ILE A 209 2.66 -6.30 -10.42
N ILE A 210 1.48 -6.39 -9.82
CA ILE A 210 1.32 -7.26 -8.66
C ILE A 210 1.58 -8.72 -9.05
N ASP A 211 1.10 -9.14 -10.22
CA ASP A 211 1.33 -10.52 -10.62
C ASP A 211 2.81 -10.82 -10.70
N SER A 212 3.60 -9.85 -11.15
CA SER A 212 5.01 -10.10 -11.33
C SER A 212 5.79 -10.21 -10.04
N ILE A 213 5.28 -9.69 -8.92
CA ILE A 213 6.01 -9.73 -7.66
C ILE A 213 5.33 -10.62 -6.64
N THR A 214 4.34 -11.39 -7.06
CA THR A 214 3.66 -12.34 -6.18
C THR A 214 3.67 -13.72 -6.81
N LYS A 215 4.72 -14.05 -7.55
N LYS A 215 4.71 -14.04 -7.57
CA LYS A 215 4.80 -15.36 -8.17
CA LYS A 215 4.78 -15.36 -8.19
C LYS A 215 4.83 -16.44 -7.11
C LYS A 215 4.82 -16.43 -7.12
N GLY A 216 3.93 -17.42 -7.24
CA GLY A 216 3.87 -18.52 -6.31
C GLY A 216 3.06 -18.29 -5.06
N TRP A 217 2.43 -17.12 -4.92
CA TRP A 217 1.65 -16.86 -3.73
C TRP A 217 0.38 -17.72 -3.75
N ASN A 218 -0.21 -17.91 -2.57
CA ASN A 218 -1.34 -18.82 -2.41
C ASN A 218 -2.60 -18.34 -3.11
N ASN A 219 -2.90 -17.04 -3.10
CA ASN A 219 -4.00 -16.52 -3.90
C ASN A 219 -3.73 -15.08 -4.35
N HIS A 220 -4.53 -14.68 -5.35
CA HIS A 220 -4.49 -13.35 -5.96
C HIS A 220 -5.95 -13.04 -6.23
N LYS A 221 -6.52 -12.09 -5.50
CA LYS A 221 -7.96 -11.84 -5.54
C LYS A 221 -8.24 -10.46 -6.12
N LEU A 222 -9.27 -10.38 -6.96
CA LEU A 222 -9.72 -9.11 -7.53
C LEU A 222 -11.21 -8.96 -7.26
N MET A 223 -11.60 -7.80 -6.75
CA MET A 223 -13.01 -7.46 -6.65
C MET A 223 -13.21 -6.09 -7.25
N ILE A 224 -14.23 -5.95 -8.09
CA ILE A 224 -14.62 -4.64 -8.59
C ILE A 224 -16.04 -4.39 -8.13
N PRO A 225 -16.22 -3.77 -6.96
CA PRO A 225 -17.55 -3.69 -6.37
C PRO A 225 -18.54 -3.03 -7.30
N GLY A 226 -19.65 -3.73 -7.53
CA GLY A 226 -20.69 -3.27 -8.43
C GLY A 226 -20.58 -3.77 -9.86
N ALA A 227 -19.46 -4.38 -10.23
CA ALA A 227 -19.29 -5.01 -11.52
C ALA A 227 -19.69 -6.48 -11.45
N ASP A 228 -20.07 -7.03 -12.59
CA ASP A 228 -20.71 -8.34 -12.55
C ASP A 228 -19.58 -9.37 -12.65
N LYS A 229 -19.88 -10.66 -12.54
CA LYS A 229 -18.78 -11.61 -12.50
C LYS A 229 -17.99 -11.63 -13.82
N TYR A 230 -18.69 -11.56 -14.97
CA TYR A 230 -18.01 -11.61 -16.25
C TYR A 230 -17.17 -10.36 -16.49
N ALA A 231 -17.64 -9.20 -16.03
CA ALA A 231 -16.86 -7.98 -16.19
C ALA A 231 -15.54 -8.06 -15.42
N THR A 232 -15.59 -8.57 -14.18
CA THR A 232 -14.37 -8.69 -13.38
C THR A 232 -13.43 -9.73 -13.95
N ARG A 233 -13.99 -10.84 -14.46
CA ARG A 233 -13.14 -11.92 -14.90
C ARG A 233 -12.39 -11.60 -16.17
N LYS A 234 -12.90 -10.70 -17.04
CA LYS A 234 -12.02 -10.35 -18.18
C LYS A 234 -10.71 -9.69 -17.70
N PHE A 235 -10.73 -9.02 -16.54
CA PHE A 235 -9.43 -8.41 -16.22
C PHE A 235 -8.36 -9.45 -15.89
N ILE A 236 -8.76 -10.66 -15.51
CA ILE A 236 -7.84 -11.68 -15.01
C ILE A 236 -7.89 -12.95 -15.83
N GLU A 237 -8.51 -12.91 -17.02
CA GLU A 237 -8.62 -14.13 -17.82
C GLU A 237 -7.25 -14.63 -18.26
N LYS A 238 -6.29 -13.74 -18.43
CA LYS A 238 -4.95 -14.13 -18.81
C LYS A 238 -4.05 -14.35 -17.62
N TYR A 239 -4.58 -14.31 -16.41
CA TYR A 239 -3.79 -14.51 -15.20
C TYR A 239 -4.30 -15.74 -14.50
N SER A 240 -3.61 -16.87 -14.71
CA SER A 240 -4.16 -18.16 -14.27
C SER A 240 -4.25 -18.27 -12.75
N ASP A 241 -3.43 -17.51 -12.02
CA ASP A 241 -3.43 -17.57 -10.56
C ASP A 241 -4.41 -16.61 -9.90
N TRP A 242 -5.14 -15.82 -10.66
CA TRP A 242 -6.05 -14.83 -10.09
C TRP A 242 -7.50 -15.31 -10.12
N SER A 243 -8.26 -14.90 -9.10
CA SER A 243 -9.67 -15.22 -9.02
C SER A 243 -10.45 -14.05 -8.42
N GLU A 244 -11.76 -14.09 -8.59
CA GLU A 244 -12.61 -13.02 -8.09
C GLU A 244 -12.85 -13.19 -6.59
N GLY A 245 -12.86 -12.07 -5.87
CA GLY A 245 -13.24 -12.09 -4.48
C GLY A 245 -12.32 -11.25 -3.64
N HIS A 246 -12.07 -11.63 -2.39
CA HIS A 246 -11.17 -10.91 -1.52
C HIS A 246 -10.47 -11.92 -0.63
N ILE A 247 -9.44 -11.44 0.09
CA ILE A 247 -8.53 -12.33 0.86
C ILE A 247 -8.91 -12.48 2.32
N PHE A 248 -9.96 -11.80 2.79
CA PHE A 248 -10.20 -11.72 4.23
C PHE A 248 -11.17 -12.82 4.65
N LYS A 249 -11.40 -12.92 5.95
CA LYS A 249 -12.29 -13.94 6.45
C LYS A 249 -13.69 -13.75 5.86
N LYS A 250 -14.32 -14.84 5.46
CA LYS A 250 -15.51 -14.77 4.61
C LYS A 250 -16.80 -14.55 5.38
N ASP A 251 -16.85 -15.01 6.63
N ASP A 251 -16.88 -15.00 6.63
CA ASP A 251 -18.06 -15.03 7.45
CA ASP A 251 -18.12 -14.91 7.39
C ASP A 251 -17.85 -14.16 8.69
C ASP A 251 -17.87 -14.11 8.66
N GLY A 252 -18.92 -13.95 9.44
CA GLY A 252 -18.82 -13.20 10.65
C GLY A 252 -18.99 -11.72 10.37
N LEU A 253 -18.74 -10.94 11.41
CA LEU A 253 -18.88 -9.49 11.34
C LEU A 253 -17.75 -8.89 10.51
N ALA A 254 -18.11 -7.92 9.67
CA ALA A 254 -17.13 -7.33 8.78
C ALA A 254 -15.99 -6.69 9.57
N VAL A 255 -16.32 -5.99 10.65
N VAL A 255 -16.32 -5.99 10.66
CA VAL A 255 -15.32 -5.26 11.40
CA VAL A 255 -15.29 -5.27 11.38
C VAL A 255 -14.28 -6.19 12.01
C VAL A 255 -14.28 -6.19 12.02
N GLN A 256 -14.62 -7.46 12.20
CA GLN A 256 -13.66 -8.42 12.75
C GLN A 256 -12.88 -9.16 11.66
N ALA A 257 -13.11 -8.83 10.40
CA ALA A 257 -12.47 -9.49 9.27
C ALA A 257 -11.66 -8.56 8.40
N ILE A 258 -12.12 -7.33 8.19
CA ILE A 258 -11.57 -6.45 7.16
C ILE A 258 -10.74 -5.37 7.85
N PRO A 259 -9.48 -5.21 7.48
CA PRO A 259 -8.65 -4.17 8.08
C PRO A 259 -9.13 -2.79 7.68
N LEU A 260 -8.94 -1.83 8.57
CA LEU A 260 -9.40 -0.48 8.28
C LEU A 260 -8.07 0.26 8.02
N PHE A 261 -7.74 0.52 6.77
CA PHE A 261 -6.51 1.19 6.37
C PHE A 261 -6.78 2.67 6.15
N PRO A 262 -5.78 3.54 6.39
CA PRO A 262 -6.02 4.99 6.22
C PRO A 262 -6.20 5.33 4.75
N ASP A 263 -7.17 6.21 4.47
CA ASP A 263 -7.41 6.77 3.14
C ASP A 263 -7.64 5.69 2.08
N ASP A 264 -8.39 4.66 2.45
CA ASP A 264 -8.76 3.51 1.64
C ASP A 264 -10.28 3.56 1.41
N PRO A 265 -10.76 3.49 0.14
CA PRO A 265 -12.22 3.54 -0.08
C PRO A 265 -12.96 2.46 0.68
OH ALY A 266 -9.04 -4.52 0.06
CH ALY A 266 -8.78 -3.35 0.43
CH3 ALY A 266 -7.77 -2.49 -0.28
NZ ALY A 266 -9.39 -2.79 1.53
CE ALY A 266 -10.37 -3.50 2.30
CD ALY A 266 -11.80 -3.40 1.73
CG ALY A 266 -12.57 -2.18 2.24
CB ALY A 266 -12.05 -0.99 1.51
CA ALY A 266 -12.91 0.26 1.64
N ALY A 266 -12.33 1.32 0.87
C ALY A 266 -13.05 0.66 3.10
O ALY A 266 -14.07 0.48 3.77
N GLY A 267 -11.98 1.25 3.62
CA GLY A 267 -11.92 1.73 4.99
C GLY A 267 -12.89 2.85 5.29
N ARG A 268 -13.15 3.71 4.29
CA ARG A 268 -14.09 4.81 4.53
C ARG A 268 -15.48 4.28 4.87
N PHE A 269 -15.89 3.18 4.23
CA PHE A 269 -17.17 2.58 4.56
C PHE A 269 -17.10 1.88 5.91
N LEU A 270 -15.99 1.20 6.22
CA LEU A 270 -15.81 0.57 7.53
C LEU A 270 -15.91 1.59 8.67
N GLU A 271 -15.24 2.74 8.52
CA GLU A 271 -15.48 3.84 9.48
C GLU A 271 -16.95 4.14 9.64
N LEU A 272 -17.70 4.26 8.55
CA LEU A 272 -19.09 4.62 8.74
C LEU A 272 -19.86 3.54 9.50
N VAL A 273 -19.58 2.28 9.21
CA VAL A 273 -20.22 1.20 9.94
C VAL A 273 -19.88 1.28 11.43
N ILE A 274 -18.66 1.69 11.76
CA ILE A 274 -18.24 1.76 13.16
C ILE A 274 -18.85 2.99 13.86
N VAL A 275 -18.84 4.15 13.21
CA VAL A 275 -19.35 5.35 13.88
C VAL A 275 -20.87 5.26 14.05
N GLU A 276 -21.58 4.63 13.10
CA GLU A 276 -23.01 4.42 13.22
C GLU A 276 -23.36 3.18 14.03
N CYS A 277 -22.36 2.59 14.68
CA CYS A 277 -22.58 1.49 15.59
C CYS A 277 -23.38 0.36 14.95
N ARG A 278 -23.20 0.17 13.64
CA ARG A 278 -23.66 -1.03 12.95
C ARG A 278 -22.62 -2.14 12.94
N TYR A 279 -21.53 -1.99 13.70
CA TYR A 279 -20.41 -2.94 13.69
C TYR A 279 -20.81 -4.26 14.28
N GLY A 280 -21.69 -4.22 15.23
CA GLY A 280 -22.30 -5.46 15.51
C GLY A 280 -23.19 -6.01 14.48
N LYS A 281 -23.66 -5.39 13.53
CA LYS A 281 -24.47 -6.34 12.82
C LYS A 281 -23.93 -6.77 11.43
N MET A 282 -23.15 -5.89 10.83
CA MET A 282 -22.80 -5.95 9.44
C MET A 282 -21.88 -7.14 9.21
N THR A 283 -22.32 -8.10 8.38
CA THR A 283 -21.47 -9.24 8.03
C THR A 283 -20.49 -8.87 6.92
N VAL A 284 -19.48 -9.73 6.74
CA VAL A 284 -18.53 -9.54 5.65
C VAL A 284 -19.26 -9.47 4.31
N SER A 285 -20.14 -10.45 4.05
CA SER A 285 -20.79 -10.49 2.75
C SER A 285 -21.68 -9.26 2.55
N ARG A 286 -22.42 -8.84 3.58
CA ARG A 286 -23.25 -7.66 3.44
C ARG A 286 -22.40 -6.41 3.27
N PHE A 287 -21.24 -6.35 3.93
CA PHE A 287 -20.36 -5.20 3.77
C PHE A 287 -19.95 -5.01 2.32
N TYR A 288 -19.49 -6.08 1.69
CA TYR A 288 -19.08 -5.97 0.30
C TYR A 288 -20.26 -5.74 -0.65
N GLN A 289 -21.44 -6.27 -0.33
CA GLN A 289 -22.63 -5.95 -1.11
C GLN A 289 -22.93 -4.45 -1.06
N GLU A 290 -22.93 -3.87 0.12
CA GLU A 290 -23.27 -2.46 0.27
C GLU A 290 -22.14 -1.55 -0.17
N LEU A 291 -20.89 -2.03 -0.11
CA LEU A 291 -19.78 -1.22 -0.60
C LEU A 291 -20.00 -0.83 -2.05
N ALA A 292 -20.62 -1.71 -2.84
CA ALA A 292 -20.86 -1.46 -4.25
C ALA A 292 -21.72 -0.21 -4.48
N TYR A 293 -22.56 0.17 -3.52
CA TYR A 293 -23.46 1.30 -3.72
C TYR A 293 -22.93 2.60 -3.14
N ARG A 294 -21.77 2.60 -2.51
N ARG A 294 -21.76 2.59 -2.52
CA ARG A 294 -21.22 3.84 -2.01
CA ARG A 294 -21.17 3.84 -2.04
C ARG A 294 -20.86 4.76 -3.18
C ARG A 294 -20.90 4.76 -3.22
N GLN A 295 -21.02 6.08 -2.97
CA GLN A 295 -20.79 7.04 -4.03
C GLN A 295 -19.43 6.84 -4.69
N GLU A 296 -18.41 6.58 -3.87
CA GLU A 296 -17.06 6.45 -4.36
C GLU A 296 -16.92 5.32 -5.36
N PHE A 297 -17.70 4.26 -5.20
CA PHE A 297 -17.68 3.14 -6.13
C PHE A 297 -18.68 3.32 -7.25
N LEU A 298 -19.92 3.67 -6.91
CA LEU A 298 -20.95 3.55 -7.93
C LEU A 298 -20.88 4.74 -8.91
N LEU A 299 -20.28 5.85 -8.46
CA LEU A 299 -19.96 6.96 -9.33
C LEU A 299 -18.51 6.93 -9.78
N GLY A 300 -17.71 6.00 -9.31
CA GLY A 300 -16.31 5.96 -9.65
C GLY A 300 -16.02 5.27 -10.98
N ASP A 301 -14.75 5.26 -11.33
CA ASP A 301 -14.28 4.74 -12.60
C ASP A 301 -13.50 3.45 -12.30
N CYS A 302 -14.23 2.35 -12.26
CA CYS A 302 -13.67 1.01 -12.12
C CYS A 302 -12.79 0.93 -10.87
N VAL A 303 -13.32 1.44 -9.75
CA VAL A 303 -12.64 1.37 -8.46
C VAL A 303 -12.56 -0.08 -8.01
N SER A 304 -11.35 -0.56 -7.73
CA SER A 304 -11.13 -1.99 -7.58
C SER A 304 -10.30 -2.29 -6.33
N LEU A 305 -10.42 -3.53 -5.86
CA LEU A 305 -9.77 -3.99 -4.63
C LEU A 305 -8.98 -5.26 -4.92
N ILE A 306 -7.68 -5.23 -4.65
CA ILE A 306 -6.77 -6.35 -4.94
C ILE A 306 -6.17 -6.84 -3.62
N GLY A 307 -6.18 -8.16 -3.43
CA GLY A 307 -5.48 -8.77 -2.31
C GLY A 307 -4.80 -10.05 -2.74
N CYS A 308 -3.57 -10.27 -2.25
CA CYS A 308 -2.82 -11.51 -2.47
C CYS A 308 -2.28 -12.00 -1.14
N CYS A 309 -2.27 -13.32 -0.94
CA CYS A 309 -1.72 -13.95 0.26
C CYS A 309 -0.63 -14.95 -0.07
N LYS A 310 0.35 -15.06 0.82
CA LYS A 310 1.32 -16.15 0.81
C LYS A 310 1.41 -16.68 2.23
N GLU A 311 1.10 -17.96 2.41
CA GLU A 311 0.99 -18.54 3.74
C GLU A 311 2.26 -19.27 4.14
N ASN A 312 2.59 -19.19 5.43
CA ASN A 312 3.59 -20.07 6.05
C ASN A 312 4.95 -19.92 5.39
N LEU A 313 5.39 -18.67 5.24
CA LEU A 313 6.72 -18.34 4.75
C LEU A 313 7.71 -18.27 5.92
N GLU A 314 8.81 -19.03 5.82
CA GLU A 314 9.94 -18.96 6.73
C GLU A 314 10.81 -17.77 6.36
N VAL A 315 10.97 -16.82 7.26
CA VAL A 315 11.77 -15.63 6.96
C VAL A 315 12.97 -15.59 7.90
N THR A 316 14.07 -14.99 7.45
CA THR A 316 15.22 -14.80 8.32
C THR A 316 15.33 -13.29 8.50
N TYR A 317 15.37 -12.84 9.74
CA TYR A 317 15.42 -11.40 9.99
C TYR A 317 16.84 -10.90 9.77
N HIS A 318 17.00 -9.95 8.87
CA HIS A 318 18.32 -9.47 8.45
C HIS A 318 18.34 -7.95 8.56
N ASP A 319 19.26 -7.42 9.37
CA ASP A 319 19.53 -5.99 9.38
C ASP A 319 19.81 -5.48 7.98
N ASP A 320 19.14 -4.39 7.62
CA ASP A 320 19.36 -3.72 6.33
C ASP A 320 19.26 -2.23 6.62
N LEU A 321 20.41 -1.59 6.76
CA LEU A 321 20.43 -0.22 7.25
C LEU A 321 19.86 0.75 6.22
N VAL A 322 18.70 1.30 6.59
CA VAL A 322 18.00 2.32 5.84
C VAL A 322 17.72 3.46 6.81
N SER A 323 17.35 4.59 6.22
CA SER A 323 17.05 5.76 7.00
C SER A 323 15.73 5.57 7.74
N THR A 324 15.73 5.73 9.07
CA THR A 324 14.48 5.70 9.81
C THR A 324 14.23 7.05 10.48
N VAL A 325 12.95 7.42 10.62
CA VAL A 325 12.56 8.74 11.10
C VAL A 325 11.44 8.59 12.11
N THR A 326 11.32 9.57 13.00
CA THR A 326 10.13 9.60 13.84
C THR A 326 8.87 9.86 12.99
N ILE A 327 7.72 9.52 13.56
N ILE A 327 7.72 9.54 13.56
CA ILE A 327 6.45 9.79 12.90
CA ILE A 327 6.46 9.79 12.84
C ILE A 327 6.32 11.27 12.59
C ILE A 327 6.29 11.28 12.58
N SER A 328 6.73 12.13 13.52
CA SER A 328 6.64 13.57 13.31
C SER A 328 7.52 14.00 12.16
N GLU A 329 8.75 13.49 12.10
CA GLU A 329 9.60 13.79 10.95
C GLU A 329 8.95 13.33 9.66
N TYR A 330 8.37 12.12 9.65
CA TYR A 330 7.68 11.63 8.46
C TYR A 330 6.53 12.55 8.06
N LYS A 331 5.68 12.93 9.03
CA LYS A 331 4.55 13.79 8.72
C LYS A 331 5.03 15.15 8.26
N GLU A 332 6.12 15.65 8.83
CA GLU A 332 6.70 16.92 8.42
C GLU A 332 7.06 16.90 6.94
N PHE A 333 7.72 15.82 6.50
CA PHE A 333 8.06 15.64 5.08
C PHE A 333 6.80 15.60 4.22
N MET A 334 5.82 14.82 4.63
CA MET A 334 4.60 14.72 3.82
C MET A 334 3.87 16.06 3.77
N ASN A 335 3.95 16.87 4.84
CA ASN A 335 3.24 18.15 4.82
C ASN A 335 3.96 19.13 3.90
N LEU A 336 5.30 19.09 3.89
CA LEU A 336 6.03 19.92 2.94
C LEU A 336 5.69 19.53 1.52
N LEU A 337 5.56 18.22 1.28
CA LEU A 337 5.21 17.70 -0.04
C LEU A 337 3.88 18.27 -0.53
N LYS A 338 2.87 18.35 0.34
CA LYS A 338 1.56 18.76 -0.14
C LYS A 338 1.46 20.26 -0.33
N LEU A 339 2.52 21.00 -0.01
CA LEU A 339 2.60 22.43 -0.27
C LEU A 339 3.41 22.77 -1.51
N VAL A 340 3.97 21.80 -2.18
CA VAL A 340 4.78 22.06 -3.36
C VAL A 340 3.88 22.10 -4.58
N ASP A 341 4.13 23.08 -5.47
CA ASP A 341 3.48 23.13 -6.77
C ASP A 341 4.28 22.26 -7.74
N PHE A 342 3.83 21.03 -7.98
CA PHE A 342 4.64 20.13 -8.79
C PHE A 342 4.52 20.39 -10.28
N SER A 343 3.83 21.46 -10.68
CA SER A 343 3.89 21.95 -12.05
C SER A 343 5.03 22.95 -12.23
N ASP A 344 5.74 23.29 -11.15
CA ASP A 344 6.76 24.33 -11.13
C ASP A 344 8.13 23.71 -10.84
N ARG A 345 9.00 23.65 -11.85
CA ARG A 345 10.33 23.06 -11.66
C ARG A 345 11.09 23.73 -10.54
N VAL A 346 10.91 25.05 -10.37
CA VAL A 346 11.62 25.77 -9.32
C VAL A 346 11.24 25.23 -7.95
N GLU A 347 9.93 25.13 -7.70
CA GLU A 347 9.46 24.62 -6.42
C GLU A 347 9.89 23.18 -6.20
N VAL A 348 9.82 22.35 -7.25
CA VAL A 348 10.23 20.96 -7.12
C VAL A 348 11.72 20.87 -6.81
N SER A 349 12.54 21.60 -7.59
CA SER A 349 13.97 21.59 -7.35
C SER A 349 14.33 22.11 -5.98
N ASN A 350 13.68 23.18 -5.47
CA ASN A 350 14.05 23.48 -4.07
C ASN A 350 13.59 22.42 -3.09
N PHE A 351 12.42 21.85 -3.30
CA PHE A 351 12.00 20.81 -2.37
C PHE A 351 13.07 19.73 -2.27
N VAL A 352 13.58 19.31 -3.44
CA VAL A 352 14.59 18.26 -3.46
C VAL A 352 15.89 18.73 -2.79
N SER A 353 16.35 19.96 -3.10
CA SER A 353 17.65 20.34 -2.53
C SER A 353 17.53 20.46 -1.01
N ASN A 354 16.38 20.95 -0.55
CA ASN A 354 16.17 21.07 0.88
C ASN A 354 16.18 19.70 1.55
N TYR A 355 15.62 18.70 0.89
CA TYR A 355 15.72 17.36 1.44
C TYR A 355 17.17 16.87 1.44
N ARG A 356 17.90 17.13 0.36
CA ARG A 356 19.30 16.72 0.32
C ARG A 356 20.10 17.40 1.42
N LYS A 357 19.81 18.67 1.72
CA LYS A 357 20.32 19.25 2.95
C LYS A 357 19.89 18.49 4.21
N SER A 358 18.65 17.98 4.30
CA SER A 358 18.27 17.37 5.59
C SER A 358 19.11 16.13 5.87
N LYS A 359 19.44 15.36 4.84
CA LYS A 359 20.26 14.18 5.03
C LYS A 359 21.66 14.44 5.55
#